data_1YWI
#
_entry.id   1YWI
#
loop_
_entity.id
_entity.type
_entity.pdbx_description
1 polymer 'Formin-binding protein 3'
2 polymer Formin
#
loop_
_entity_poly.entity_id
_entity_poly.type
_entity_poly.pdbx_seq_one_letter_code
_entity_poly.pdbx_strand_id
1 'polypeptide(L)' GSRRASVGSAKSMWTEHKSPDGRTYYYNTETKQSTWEKPDD A
2 'polypeptide(L)' APPTPPPLPP B
#
# COMPACT_ATOMS: atom_id res chain seq x y z
N SER A 12 -3.14 4.52 -10.96
CA SER A 12 -2.79 5.90 -10.62
C SER A 12 -3.13 6.21 -9.16
N MET A 13 -2.49 7.24 -8.63
CA MET A 13 -2.72 7.65 -7.24
C MET A 13 -2.40 6.53 -6.26
N TRP A 14 -1.13 6.42 -5.90
CA TRP A 14 -0.70 5.37 -4.96
C TRP A 14 0.19 5.97 -3.86
N THR A 15 0.35 5.23 -2.77
CA THR A 15 1.18 5.67 -1.67
C THR A 15 2.21 4.59 -1.33
N GLU A 16 3.43 5.00 -1.00
CA GLU A 16 4.49 4.05 -0.68
C GLU A 16 4.74 3.99 0.83
N HIS A 17 4.61 2.79 1.38
CA HIS A 17 4.84 2.58 2.81
C HIS A 17 5.48 1.21 3.04
N LYS A 18 6.21 1.08 4.15
CA LYS A 18 6.88 -0.16 4.47
C LYS A 18 6.14 -0.96 5.54
N SER A 19 5.50 -2.05 5.12
CA SER A 19 4.77 -2.92 6.03
C SER A 19 5.59 -3.18 7.29
N PRO A 20 4.98 -3.01 8.49
CA PRO A 20 5.65 -3.20 9.78
C PRO A 20 6.39 -4.53 9.87
N ASP A 21 5.80 -5.58 9.30
CA ASP A 21 6.42 -6.89 9.31
C ASP A 21 7.80 -6.84 8.68
N GLY A 22 7.99 -5.90 7.77
CA GLY A 22 9.26 -5.74 7.10
C GLY A 22 9.14 -5.91 5.61
N ARG A 23 8.03 -5.41 5.05
CA ARG A 23 7.76 -5.52 3.62
C ARG A 23 7.44 -4.16 3.02
N THR A 24 7.44 -4.09 1.70
CA THR A 24 7.12 -2.84 1.00
C THR A 24 5.73 -2.93 0.38
N TYR A 25 4.76 -2.25 1.00
CA TYR A 25 3.39 -2.27 0.50
C TYR A 25 2.96 -0.90 -0.03
N TYR A 26 1.92 -0.89 -0.84
CA TYR A 26 1.39 0.34 -1.42
C TYR A 26 -0.12 0.45 -1.21
N TYR A 27 -0.60 1.67 -1.05
CA TYR A 27 -2.02 1.91 -0.86
C TYR A 27 -2.59 2.79 -1.97
N ASN A 28 -3.60 2.28 -2.66
CA ASN A 28 -4.23 3.02 -3.75
C ASN A 28 -5.20 4.05 -3.20
N THR A 29 -4.89 5.33 -3.42
CA THR A 29 -5.73 6.42 -2.94
C THR A 29 -6.74 6.86 -4.00
N GLU A 30 -6.80 6.10 -5.09
CA GLU A 30 -7.72 6.40 -6.18
C GLU A 30 -9.04 5.65 -5.97
N THR A 31 -8.94 4.48 -5.36
CA THR A 31 -10.10 3.64 -5.08
C THR A 31 -10.22 3.39 -3.58
N LYS A 32 -9.14 3.72 -2.87
CA LYS A 32 -9.08 3.56 -1.42
C LYS A 32 -8.98 2.08 -1.05
N GLN A 33 -7.90 1.45 -1.48
CA GLN A 33 -7.67 0.04 -1.20
C GLN A 33 -6.19 -0.22 -0.93
N SER A 34 -5.90 -1.35 -0.31
CA SER A 34 -4.53 -1.73 0.00
C SER A 34 -4.04 -2.81 -0.95
N THR A 35 -2.80 -2.69 -1.41
CA THR A 35 -2.23 -3.66 -2.34
C THR A 35 -0.77 -3.96 -2.02
N TRP A 36 -0.32 -5.15 -2.44
CA TRP A 36 1.05 -5.58 -2.20
C TRP A 36 1.87 -5.49 -3.48
N GLU A 37 3.13 -5.09 -3.32
CA GLU A 37 4.05 -4.97 -4.45
C GLU A 37 3.58 -3.91 -5.45
N LYS A 38 4.55 -3.25 -6.08
CA LYS A 38 4.25 -2.21 -7.07
C LYS A 38 3.26 -2.72 -8.11
N PRO A 39 2.22 -1.93 -8.42
CA PRO A 39 1.20 -2.31 -9.41
C PRO A 39 1.64 -2.07 -10.84
N PRO B 5 -2.63 7.54 8.26
CA PRO B 5 -1.85 6.54 7.54
C PRO B 5 -2.73 5.48 6.91
N PRO B 6 -2.31 4.91 5.75
CA PRO B 6 -3.08 3.89 5.04
C PRO B 6 -2.94 2.50 5.68
N PRO B 7 -3.99 1.66 5.59
CA PRO B 7 -3.98 0.31 6.15
C PRO B 7 -3.20 -0.66 5.28
N LEU B 8 -2.59 -1.65 5.91
CA LEU B 8 -1.80 -2.64 5.19
C LEU B 8 -2.72 -3.69 4.55
N PRO B 9 -2.35 -4.21 3.36
CA PRO B 9 -3.13 -5.24 2.67
C PRO B 9 -2.89 -6.63 3.26
N PRO B 10 -3.90 -7.52 3.20
CA PRO B 10 -3.76 -8.87 3.72
C PRO B 10 -2.79 -9.72 2.90
N SER A 12 -0.75 7.57 -11.32
CA SER A 12 0.10 7.86 -10.18
C SER A 12 -0.73 8.23 -8.95
N MET A 13 -1.58 7.30 -8.55
CA MET A 13 -2.45 7.50 -7.39
C MET A 13 -2.20 6.42 -6.35
N TRP A 14 -0.96 6.33 -5.87
CA TRP A 14 -0.59 5.33 -4.88
C TRP A 14 0.30 5.93 -3.80
N THR A 15 0.29 5.30 -2.63
CA THR A 15 1.13 5.74 -1.52
C THR A 15 2.14 4.66 -1.18
N GLU A 16 3.35 5.09 -0.80
CA GLU A 16 4.41 4.14 -0.48
C GLU A 16 4.63 4.05 1.03
N HIS A 17 4.54 2.82 1.55
CA HIS A 17 4.76 2.56 2.96
C HIS A 17 5.45 1.21 3.15
N LYS A 18 5.92 0.96 4.36
CA LYS A 18 6.62 -0.30 4.64
C LYS A 18 5.90 -1.15 5.69
N SER A 19 5.41 -2.31 5.23
CA SER A 19 4.73 -3.26 6.11
C SER A 19 5.55 -3.53 7.36
N PRO A 20 4.86 -3.72 8.52
CA PRO A 20 5.52 -3.95 9.81
C PRO A 20 6.34 -5.23 9.84
N ASP A 21 6.07 -6.12 8.89
CA ASP A 21 6.81 -7.38 8.80
C ASP A 21 8.10 -7.19 8.02
N GLY A 22 8.46 -5.92 7.81
CA GLY A 22 9.68 -5.62 7.07
C GLY A 22 9.47 -5.73 5.58
N ARG A 23 8.30 -5.30 5.12
CA ARG A 23 7.98 -5.36 3.69
C ARG A 23 7.61 -3.97 3.15
N THR A 24 7.55 -3.85 1.83
CA THR A 24 7.19 -2.58 1.21
C THR A 24 5.83 -2.71 0.52
N TYR A 25 4.80 -2.10 1.11
CA TYR A 25 3.45 -2.18 0.55
C TYR A 25 3.00 -0.83 0.01
N TYR A 26 1.94 -0.84 -0.79
CA TYR A 26 1.40 0.37 -1.38
C TYR A 26 -0.12 0.45 -1.19
N TYR A 27 -0.65 1.66 -1.22
CA TYR A 27 -2.10 1.87 -1.04
C TYR A 27 -2.67 2.71 -2.17
N ASN A 28 -3.72 2.20 -2.81
CA ASN A 28 -4.38 2.90 -3.90
C ASN A 28 -5.32 3.96 -3.36
N THR A 29 -5.05 5.23 -3.67
CA THR A 29 -5.88 6.33 -3.20
C THR A 29 -7.06 6.58 -4.14
N GLU A 30 -6.92 6.14 -5.39
CA GLU A 30 -7.98 6.32 -6.38
C GLU A 30 -9.13 5.35 -6.13
N THR A 31 -8.78 4.08 -5.94
CA THR A 31 -9.78 3.05 -5.68
C THR A 31 -10.04 2.92 -4.18
N LYS A 32 -9.10 3.42 -3.40
CA LYS A 32 -9.20 3.38 -1.93
C LYS A 32 -9.10 1.94 -1.43
N GLN A 33 -7.94 1.34 -1.61
CA GLN A 33 -7.71 -0.03 -1.19
C GLN A 33 -6.22 -0.26 -0.89
N SER A 34 -5.92 -1.36 -0.23
CA SER A 34 -4.54 -1.69 0.11
C SER A 34 -4.02 -2.79 -0.81
N THR A 35 -2.82 -2.62 -1.32
CA THR A 35 -2.23 -3.59 -2.23
C THR A 35 -0.77 -3.91 -1.90
N TRP A 36 -0.33 -5.09 -2.31
CA TRP A 36 1.05 -5.54 -2.09
C TRP A 36 1.84 -5.44 -3.39
N GLU A 37 3.17 -5.48 -3.26
CA GLU A 37 4.06 -5.41 -4.42
C GLU A 37 3.93 -4.07 -5.14
N LYS A 38 5.08 -3.51 -5.52
CA LYS A 38 5.11 -2.23 -6.22
C LYS A 38 4.49 -2.35 -7.61
N PRO A 39 3.63 -1.40 -8.01
CA PRO A 39 2.98 -1.41 -9.33
C PRO A 39 3.91 -0.94 -10.44
N PRO B 5 -2.68 7.97 7.65
CA PRO B 5 -1.88 6.92 7.00
C PRO B 5 -2.74 5.77 6.51
N PRO B 6 -2.34 5.11 5.40
CA PRO B 6 -3.09 4.01 4.80
C PRO B 6 -2.91 2.68 5.52
N PRO B 7 -3.95 1.82 5.49
CA PRO B 7 -3.93 0.50 6.13
C PRO B 7 -3.17 -0.51 5.30
N LEU B 8 -2.56 -1.49 5.97
CA LEU B 8 -1.79 -2.51 5.28
C LEU B 8 -2.73 -3.55 4.64
N PRO B 9 -2.37 -4.11 3.47
CA PRO B 9 -3.17 -5.12 2.80
C PRO B 9 -2.98 -6.51 3.40
N PRO B 10 -4.02 -7.37 3.36
CA PRO B 10 -3.93 -8.72 3.89
C PRO B 10 -3.12 -9.65 2.99
N SER A 12 -1.92 5.90 -11.45
CA SER A 12 -1.39 7.00 -10.64
C SER A 12 -2.13 7.13 -9.32
N MET A 13 -1.73 8.12 -8.52
CA MET A 13 -2.34 8.37 -7.22
C MET A 13 -2.15 7.18 -6.28
N TRP A 14 -0.90 6.95 -5.88
CA TRP A 14 -0.56 5.85 -4.98
C TRP A 14 0.25 6.35 -3.79
N THR A 15 0.34 5.50 -2.76
CA THR A 15 1.10 5.84 -1.56
C THR A 15 2.07 4.70 -1.21
N GLU A 16 3.29 5.07 -0.83
CA GLU A 16 4.32 4.09 -0.50
C GLU A 16 4.53 3.97 1.01
N HIS A 17 4.50 2.74 1.51
CA HIS A 17 4.70 2.47 2.93
C HIS A 17 5.39 1.12 3.12
N LYS A 18 5.96 0.90 4.31
CA LYS A 18 6.66 -0.34 4.60
C LYS A 18 6.02 -1.11 5.74
N SER A 19 5.41 -2.25 5.41
CA SER A 19 4.78 -3.11 6.40
C SER A 19 5.74 -3.45 7.54
N PRO A 20 5.22 -3.54 8.79
CA PRO A 20 6.03 -3.83 9.98
C PRO A 20 6.78 -5.14 9.88
N ASP A 21 6.33 -6.02 8.99
CA ASP A 21 6.98 -7.31 8.80
C ASP A 21 8.23 -7.15 7.93
N GLY A 22 8.63 -5.91 7.70
CA GLY A 22 9.80 -5.63 6.89
C GLY A 22 9.48 -5.74 5.41
N ARG A 23 8.25 -5.37 5.06
CA ARG A 23 7.81 -5.43 3.66
C ARG A 23 7.46 -4.05 3.14
N THR A 24 7.34 -3.93 1.83
CA THR A 24 6.99 -2.67 1.20
C THR A 24 5.62 -2.78 0.52
N TYR A 25 4.61 -2.20 1.14
CA TYR A 25 3.26 -2.25 0.59
C TYR A 25 2.83 -0.88 0.06
N TYR A 26 1.83 -0.89 -0.82
CA TYR A 26 1.34 0.34 -1.42
C TYR A 26 -0.18 0.44 -1.28
N TYR A 27 -0.68 1.67 -1.26
CA TYR A 27 -2.11 1.91 -1.12
C TYR A 27 -2.59 2.91 -2.18
N ASN A 28 -3.59 2.50 -2.96
CA ASN A 28 -4.15 3.36 -4.00
C ASN A 28 -5.22 4.27 -3.42
N THR A 29 -5.15 5.56 -3.75
CA THR A 29 -6.12 6.53 -3.25
C THR A 29 -7.26 6.74 -4.25
N GLU A 30 -7.10 6.23 -5.46
CA GLU A 30 -8.13 6.37 -6.49
C GLU A 30 -9.34 5.51 -6.13
N THR A 31 -9.13 4.19 -6.13
CA THR A 31 -10.19 3.25 -5.80
C THR A 31 -10.25 3.05 -4.28
N LYS A 32 -9.19 3.47 -3.61
CA LYS A 32 -9.09 3.37 -2.15
C LYS A 32 -8.95 1.92 -1.71
N GLN A 33 -7.75 1.37 -1.86
CA GLN A 33 -7.51 -0.02 -1.48
C GLN A 33 -6.03 -0.25 -1.14
N SER A 34 -5.76 -1.33 -0.42
CA SER A 34 -4.40 -1.68 -0.04
C SER A 34 -3.93 -2.88 -0.85
N THR A 35 -2.68 -2.85 -1.28
CA THR A 35 -2.12 -3.94 -2.07
C THR A 35 -0.65 -4.21 -1.73
N TRP A 36 -0.18 -5.39 -2.11
CA TRP A 36 1.20 -5.80 -1.87
C TRP A 36 2.00 -5.70 -3.17
N GLU A 37 3.32 -5.75 -3.05
CA GLU A 37 4.22 -5.67 -4.21
C GLU A 37 4.10 -4.30 -4.89
N LYS A 38 5.24 -3.75 -5.29
CA LYS A 38 5.29 -2.45 -5.95
C LYS A 38 4.62 -2.51 -7.33
N PRO A 39 3.87 -1.44 -7.69
CA PRO A 39 3.19 -1.37 -8.98
C PRO A 39 4.09 -0.80 -10.07
N PRO B 5 -2.58 7.80 7.76
CA PRO B 5 -1.85 6.71 7.09
C PRO B 5 -2.78 5.63 6.54
N PRO B 6 -2.38 5.00 5.42
CA PRO B 6 -3.16 3.95 4.78
C PRO B 6 -3.05 2.59 5.48
N PRO B 7 -4.10 1.76 5.42
CA PRO B 7 -4.12 0.45 6.06
C PRO B 7 -3.33 -0.58 5.27
N LEU B 8 -2.74 -1.54 5.97
CA LEU B 8 -1.95 -2.58 5.30
C LEU B 8 -2.88 -3.63 4.68
N PRO B 9 -2.49 -4.22 3.53
CA PRO B 9 -3.28 -5.25 2.86
C PRO B 9 -3.12 -6.62 3.52
N PRO B 10 -4.16 -7.46 3.48
CA PRO B 10 -4.11 -8.80 4.07
C PRO B 10 -3.45 -9.82 3.15
N SER A 12 -2.32 4.15 -11.16
CA SER A 12 -2.12 5.58 -10.95
C SER A 12 -2.47 5.97 -9.52
N MET A 13 -1.80 7.01 -9.02
CA MET A 13 -2.03 7.48 -7.66
C MET A 13 -1.77 6.36 -6.65
N TRP A 14 -0.57 6.34 -6.09
CA TRP A 14 -0.19 5.31 -5.13
C TRP A 14 0.55 5.89 -3.93
N THR A 15 0.31 5.29 -2.77
CA THR A 15 0.98 5.70 -1.55
C THR A 15 2.07 4.69 -1.21
N GLU A 16 3.24 5.18 -0.79
CA GLU A 16 4.35 4.30 -0.47
C GLU A 16 4.55 4.18 1.03
N HIS A 17 4.48 2.95 1.54
CA HIS A 17 4.68 2.67 2.96
C HIS A 17 5.35 1.31 3.14
N LYS A 18 5.85 1.06 4.35
CA LYS A 18 6.53 -0.20 4.64
C LYS A 18 5.83 -1.03 5.71
N SER A 19 5.32 -2.19 5.31
CA SER A 19 4.66 -3.11 6.22
C SER A 19 5.56 -3.41 7.41
N PRO A 20 4.98 -3.52 8.62
CA PRO A 20 5.72 -3.79 9.86
C PRO A 20 6.48 -5.11 9.82
N ASP A 21 6.09 -5.98 8.89
CA ASP A 21 6.74 -7.28 8.76
C ASP A 21 8.01 -7.14 7.92
N GLY A 22 8.42 -5.90 7.67
CA GLY A 22 9.61 -5.64 6.89
C GLY A 22 9.33 -5.72 5.39
N ARG A 23 8.18 -5.22 4.98
CA ARG A 23 7.81 -5.24 3.56
C ARG A 23 7.47 -3.84 3.07
N THR A 24 7.39 -3.70 1.74
CA THR A 24 7.05 -2.42 1.13
C THR A 24 5.69 -2.54 0.44
N TYR A 25 4.66 -1.99 1.06
CA TYR A 25 3.31 -2.05 0.50
C TYR A 25 2.86 -0.69 -0.02
N TYR A 26 1.80 -0.68 -0.82
CA TYR A 26 1.29 0.57 -1.38
C TYR A 26 -0.22 0.69 -1.20
N TYR A 27 -0.71 1.92 -1.21
CA TYR A 27 -2.13 2.20 -1.05
C TYR A 27 -2.68 2.89 -2.30
N ASN A 28 -3.54 2.19 -3.04
CA ASN A 28 -4.14 2.74 -4.25
C ASN A 28 -5.18 3.80 -3.90
N THR A 29 -5.04 4.99 -4.47
CA THR A 29 -5.98 6.08 -4.20
C THR A 29 -7.12 6.11 -5.20
N GLU A 30 -6.94 5.43 -6.34
CA GLU A 30 -7.97 5.39 -7.37
C GLU A 30 -9.16 4.57 -6.92
N THR A 31 -8.88 3.33 -6.50
CA THR A 31 -9.93 2.43 -6.02
C THR A 31 -10.08 2.52 -4.51
N LYS A 32 -9.13 3.22 -3.88
CA LYS A 32 -9.12 3.40 -2.43
C LYS A 32 -9.01 2.05 -1.72
N GLN A 33 -7.86 1.41 -1.89
CA GLN A 33 -7.61 0.12 -1.26
C GLN A 33 -6.12 -0.11 -1.04
N SER A 34 -5.79 -1.11 -0.24
CA SER A 34 -4.41 -1.44 0.06
C SER A 34 -3.98 -2.67 -0.72
N THR A 35 -2.75 -2.65 -1.23
CA THR A 35 -2.25 -3.78 -2.01
C THR A 35 -0.76 -4.04 -1.76
N TRP A 36 -0.31 -5.22 -2.18
CA TRP A 36 1.08 -5.63 -2.02
C TRP A 36 1.83 -5.52 -3.35
N GLU A 37 3.16 -5.57 -3.28
CA GLU A 37 3.99 -5.49 -4.48
C GLU A 37 3.86 -4.14 -5.16
N LYS A 38 5.00 -3.58 -5.58
CA LYS A 38 5.02 -2.29 -6.27
C LYS A 38 4.47 -2.41 -7.68
N PRO A 39 3.52 -1.52 -8.07
CA PRO A 39 2.93 -1.53 -9.41
C PRO A 39 3.85 -0.91 -10.45
N PRO B 5 -1.92 7.40 8.55
CA PRO B 5 -1.32 6.35 7.73
C PRO B 5 -2.35 5.37 7.17
N PRO B 6 -2.09 4.81 5.97
CA PRO B 6 -2.99 3.85 5.32
C PRO B 6 -2.85 2.45 5.93
N PRO B 7 -3.93 1.65 5.90
CA PRO B 7 -3.93 0.30 6.47
C PRO B 7 -3.22 -0.69 5.56
N LEU B 8 -2.60 -1.70 6.17
CA LEU B 8 -1.86 -2.71 5.41
C LEU B 8 -2.84 -3.71 4.77
N PRO B 9 -2.50 -4.23 3.58
CA PRO B 9 -3.32 -5.22 2.88
C PRO B 9 -3.16 -6.62 3.45
N PRO B 10 -4.22 -7.46 3.38
CA PRO B 10 -4.15 -8.83 3.90
C PRO B 10 -3.56 -9.80 2.88
N SER A 12 -1.90 5.93 -12.18
CA SER A 12 -0.80 6.60 -11.49
C SER A 12 -1.28 7.32 -10.25
N MET A 13 -1.86 6.55 -9.33
CA MET A 13 -2.39 7.10 -8.09
C MET A 13 -2.14 6.11 -6.93
N TRP A 14 -0.88 5.98 -6.54
CA TRP A 14 -0.52 5.07 -5.46
C TRP A 14 0.38 5.74 -4.44
N THR A 15 0.32 5.27 -3.19
CA THR A 15 1.14 5.80 -2.11
C THR A 15 2.14 4.73 -1.66
N GLU A 16 3.30 5.16 -1.19
CA GLU A 16 4.33 4.22 -0.75
C GLU A 16 4.42 4.12 0.76
N HIS A 17 4.44 2.88 1.25
CA HIS A 17 4.54 2.60 2.69
C HIS A 17 5.25 1.27 2.91
N LYS A 18 5.66 1.01 4.14
CA LYS A 18 6.38 -0.22 4.46
C LYS A 18 5.69 -1.04 5.55
N SER A 19 5.22 -2.24 5.18
CA SER A 19 4.58 -3.14 6.11
C SER A 19 5.45 -3.37 7.34
N PRO A 20 4.84 -3.49 8.53
CA PRO A 20 5.56 -3.69 9.80
C PRO A 20 6.41 -4.94 9.80
N ASP A 21 6.06 -5.90 8.95
CA ASP A 21 6.81 -7.14 8.85
C ASP A 21 8.09 -6.94 8.05
N GLY A 22 8.39 -5.68 7.76
CA GLY A 22 9.59 -5.36 7.00
C GLY A 22 9.37 -5.50 5.51
N ARG A 23 8.17 -5.14 5.04
CA ARG A 23 7.85 -5.25 3.63
C ARG A 23 7.48 -3.89 3.06
N THR A 24 7.44 -3.78 1.73
CA THR A 24 7.08 -2.54 1.08
C THR A 24 5.72 -2.67 0.40
N TYR A 25 4.70 -2.07 0.99
CA TYR A 25 3.34 -2.15 0.44
C TYR A 25 2.90 -0.79 -0.09
N TYR A 26 1.85 -0.80 -0.91
CA TYR A 26 1.35 0.44 -1.49
C TYR A 26 -0.15 0.59 -1.28
N TYR A 27 -0.58 1.83 -1.03
CA TYR A 27 -2.00 2.12 -0.81
C TYR A 27 -2.55 2.96 -1.96
N ASN A 28 -3.39 2.33 -2.78
CA ASN A 28 -4.00 3.01 -3.92
C ASN A 28 -4.93 4.12 -3.44
N THR A 29 -4.65 5.35 -3.88
CA THR A 29 -5.44 6.51 -3.49
C THR A 29 -6.64 6.72 -4.41
N GLU A 30 -6.71 5.95 -5.51
CA GLU A 30 -7.81 6.07 -6.46
C GLU A 30 -9.01 5.27 -5.97
N THR A 31 -8.92 3.94 -6.09
CA THR A 31 -9.97 3.05 -5.65
C THR A 31 -10.06 3.07 -4.12
N LYS A 32 -8.99 3.57 -3.50
CA LYS A 32 -8.91 3.68 -2.05
C LYS A 32 -8.77 2.30 -1.41
N GLN A 33 -7.66 1.64 -1.69
CA GLN A 33 -7.40 0.31 -1.14
C GLN A 33 -5.90 0.06 -1.04
N SER A 34 -5.52 -0.97 -0.29
CA SER A 34 -4.12 -1.31 -0.12
C SER A 34 -3.79 -2.57 -0.91
N THR A 35 -2.53 -2.69 -1.31
CA THR A 35 -2.09 -3.85 -2.08
C THR A 35 -0.63 -4.21 -1.78
N TRP A 36 -0.25 -5.43 -2.15
CA TRP A 36 1.10 -5.93 -1.93
C TRP A 36 1.91 -5.90 -3.22
N GLU A 37 3.24 -5.91 -3.09
CA GLU A 37 4.14 -5.90 -4.24
C GLU A 37 3.98 -4.63 -5.07
N LYS A 38 5.11 -4.06 -5.47
CA LYS A 38 5.12 -2.85 -6.28
C LYS A 38 4.49 -3.11 -7.65
N PRO A 39 3.49 -2.31 -8.05
CA PRO A 39 2.83 -2.47 -9.35
C PRO A 39 3.70 -2.04 -10.52
N PRO B 5 -2.75 7.10 9.07
CA PRO B 5 -1.94 6.27 8.17
C PRO B 5 -2.81 5.24 7.45
N PRO B 6 -2.43 4.83 6.22
CA PRO B 6 -3.21 3.84 5.46
C PRO B 6 -3.01 2.43 5.98
N PRO B 7 -4.05 1.57 5.87
CA PRO B 7 -4.01 0.20 6.39
C PRO B 7 -3.24 -0.76 5.48
N LEU B 8 -2.63 -1.76 6.09
CA LEU B 8 -1.87 -2.76 5.36
C LEU B 8 -2.82 -3.78 4.72
N PRO B 9 -2.48 -4.33 3.54
CA PRO B 9 -3.32 -5.32 2.86
C PRO B 9 -3.18 -6.70 3.48
N PRO B 10 -4.25 -7.52 3.44
CA PRO B 10 -4.22 -8.87 3.99
C PRO B 10 -3.53 -9.87 3.05
N SER A 12 -0.97 5.78 -11.63
CA SER A 12 -0.72 6.88 -10.70
C SER A 12 -1.66 6.79 -9.51
N MET A 13 -1.54 7.76 -8.59
CA MET A 13 -2.37 7.80 -7.39
C MET A 13 -2.03 6.63 -6.46
N TRP A 14 -0.75 6.54 -6.06
CA TRP A 14 -0.30 5.48 -5.18
C TRP A 14 0.57 6.03 -4.05
N THR A 15 0.40 5.48 -2.85
CA THR A 15 1.18 5.89 -1.69
C THR A 15 2.14 4.78 -1.29
N GLU A 16 3.34 5.15 -0.87
CA GLU A 16 4.34 4.16 -0.49
C GLU A 16 4.52 4.05 1.03
N HIS A 17 4.48 2.83 1.53
CA HIS A 17 4.66 2.55 2.95
C HIS A 17 5.35 1.21 3.13
N LYS A 18 6.01 1.03 4.26
CA LYS A 18 6.74 -0.22 4.52
C LYS A 18 6.09 -1.05 5.62
N SER A 19 5.46 -2.15 5.22
CA SER A 19 4.83 -3.08 6.16
C SER A 19 5.74 -3.36 7.36
N PRO A 20 5.19 -3.28 8.59
CA PRO A 20 5.96 -3.52 9.82
C PRO A 20 6.70 -4.84 9.81
N ASP A 21 6.08 -5.86 9.20
CA ASP A 21 6.69 -7.18 9.12
C ASP A 21 8.05 -7.08 8.45
N GLY A 22 8.20 -6.08 7.58
CA GLY A 22 9.45 -5.88 6.88
C GLY A 22 9.28 -5.95 5.39
N ARG A 23 8.13 -5.48 4.90
CA ARG A 23 7.83 -5.50 3.47
C ARG A 23 7.44 -4.12 2.99
N THR A 24 7.42 -3.93 1.68
CA THR A 24 7.04 -2.65 1.09
C THR A 24 5.66 -2.75 0.45
N TYR A 25 4.66 -2.18 1.13
CA TYR A 25 3.29 -2.22 0.63
C TYR A 25 2.87 -0.86 0.10
N TYR A 26 1.79 -0.84 -0.69
CA TYR A 26 1.30 0.41 -1.25
C TYR A 26 -0.21 0.54 -1.10
N TYR A 27 -0.68 1.78 -1.07
CA TYR A 27 -2.11 2.06 -0.92
C TYR A 27 -2.62 2.89 -2.09
N ASN A 28 -3.51 2.30 -2.89
CA ASN A 28 -4.07 2.99 -4.04
C ASN A 28 -5.15 3.97 -3.61
N THR A 29 -4.94 5.26 -3.90
CA THR A 29 -5.91 6.28 -3.53
C THR A 29 -6.98 6.44 -4.61
N GLU A 30 -6.70 5.87 -5.78
CA GLU A 30 -7.64 5.95 -6.90
C GLU A 30 -8.84 5.02 -6.62
N THR A 31 -8.54 3.76 -6.36
CA THR A 31 -9.57 2.77 -6.07
C THR A 31 -9.91 2.79 -4.59
N LYS A 32 -8.96 3.28 -3.79
CA LYS A 32 -9.11 3.39 -2.34
C LYS A 32 -9.03 2.03 -1.67
N GLN A 33 -7.86 1.41 -1.76
CA GLN A 33 -7.63 0.11 -1.16
C GLN A 33 -6.14 -0.15 -0.97
N SER A 34 -5.81 -1.16 -0.17
CA SER A 34 -4.42 -1.50 0.09
C SER A 34 -4.04 -2.77 -0.66
N THR A 35 -2.80 -2.81 -1.16
CA THR A 35 -2.35 -3.97 -1.93
C THR A 35 -0.83 -4.14 -1.84
N TRP A 36 -0.36 -5.31 -2.23
CA TRP A 36 1.06 -5.63 -2.24
C TRP A 36 1.60 -5.60 -3.68
N GLU A 37 2.29 -4.51 -4.03
CA GLU A 37 2.85 -4.36 -5.38
C GLU A 37 3.36 -2.94 -5.61
N LYS A 38 4.58 -2.83 -6.16
CA LYS A 38 5.17 -1.54 -6.43
C LYS A 38 4.85 -1.07 -7.85
N PRO A 39 4.32 0.16 -8.00
CA PRO A 39 3.97 0.72 -9.31
C PRO A 39 5.20 1.19 -10.09
N PRO B 5 -2.86 7.72 8.07
CA PRO B 5 -2.05 6.72 7.36
C PRO B 5 -2.90 5.56 6.83
N PRO B 6 -2.49 4.95 5.70
CA PRO B 6 -3.23 3.86 5.07
C PRO B 6 -3.03 2.51 5.76
N PRO B 7 -4.06 1.64 5.71
CA PRO B 7 -4.02 0.30 6.33
C PRO B 7 -3.22 -0.68 5.48
N LEU B 8 -2.60 -1.67 6.11
CA LEU B 8 -1.81 -2.65 5.39
C LEU B 8 -2.72 -3.68 4.70
N PRO B 9 -2.32 -4.18 3.52
CA PRO B 9 -3.09 -5.18 2.77
C PRO B 9 -2.92 -6.59 3.33
N PRO B 10 -3.96 -7.43 3.21
CA PRO B 10 -3.90 -8.81 3.70
C PRO B 10 -3.18 -9.74 2.72
N SER A 12 -1.52 7.05 -11.78
CA SER A 12 -0.49 7.41 -10.82
C SER A 12 -1.10 7.93 -9.53
N MET A 13 -1.88 7.08 -8.86
CA MET A 13 -2.53 7.43 -7.62
C MET A 13 -2.20 6.39 -6.54
N TRP A 14 -0.94 6.37 -6.12
CA TRP A 14 -0.48 5.41 -5.12
C TRP A 14 0.35 6.09 -4.03
N THR A 15 0.47 5.41 -2.89
CA THR A 15 1.27 5.89 -1.78
C THR A 15 2.25 4.80 -1.34
N GLU A 16 3.43 5.21 -0.88
CA GLU A 16 4.46 4.24 -0.48
C GLU A 16 4.57 4.14 1.04
N HIS A 17 4.52 2.89 1.53
CA HIS A 17 4.65 2.62 2.96
C HIS A 17 5.33 1.27 3.16
N LYS A 18 5.79 1.00 4.38
CA LYS A 18 6.48 -0.26 4.67
C LYS A 18 5.73 -1.11 5.70
N SER A 19 5.30 -2.29 5.24
CA SER A 19 4.59 -3.24 6.10
C SER A 19 5.41 -3.53 7.35
N PRO A 20 4.71 -3.74 8.50
CA PRO A 20 5.38 -3.99 9.79
C PRO A 20 6.22 -5.25 9.77
N ASP A 21 5.99 -6.11 8.79
CA ASP A 21 6.75 -7.34 8.65
C ASP A 21 8.04 -7.06 7.88
N GLY A 22 8.36 -5.78 7.74
CA GLY A 22 9.57 -5.39 7.02
C GLY A 22 9.39 -5.49 5.52
N ARG A 23 8.19 -5.19 5.03
CA ARG A 23 7.91 -5.27 3.60
C ARG A 23 7.54 -3.89 3.05
N THR A 24 7.54 -3.77 1.73
CA THR A 24 7.18 -2.52 1.08
C THR A 24 5.83 -2.65 0.39
N TYR A 25 4.80 -2.07 1.00
CA TYR A 25 3.45 -2.13 0.44
C TYR A 25 3.00 -0.77 -0.07
N TYR A 26 1.94 -0.77 -0.88
CA TYR A 26 1.43 0.47 -1.45
C TYR A 26 -0.08 0.59 -1.28
N TYR A 27 -0.56 1.81 -1.14
CA TYR A 27 -2.00 2.07 -0.99
C TYR A 27 -2.54 2.79 -2.22
N ASN A 28 -3.56 2.20 -2.83
CA ASN A 28 -4.20 2.78 -4.01
C ASN A 28 -5.26 3.80 -3.58
N THR A 29 -4.98 5.08 -3.84
CA THR A 29 -5.91 6.14 -3.46
C THR A 29 -7.00 6.31 -4.51
N GLU A 30 -6.81 5.70 -5.68
CA GLU A 30 -7.78 5.77 -6.75
C GLU A 30 -8.93 4.79 -6.50
N THR A 31 -8.60 3.51 -6.48
CA THR A 31 -9.59 2.47 -6.25
C THR A 31 -9.96 2.41 -4.77
N LYS A 32 -9.13 3.05 -3.94
CA LYS A 32 -9.33 3.10 -2.50
C LYS A 32 -9.18 1.71 -1.88
N GLN A 33 -7.95 1.19 -1.89
CA GLN A 33 -7.67 -0.12 -1.33
C GLN A 33 -6.18 -0.27 -1.04
N SER A 34 -5.84 -1.28 -0.26
CA SER A 34 -4.46 -1.56 0.08
C SER A 34 -3.97 -2.76 -0.71
N THR A 35 -2.76 -2.66 -1.26
CA THR A 35 -2.22 -3.75 -2.07
C THR A 35 -0.74 -4.02 -1.79
N TRP A 36 -0.32 -5.22 -2.20
CA TRP A 36 1.06 -5.67 -2.03
C TRP A 36 1.81 -5.61 -3.36
N GLU A 37 3.14 -5.51 -3.28
CA GLU A 37 3.98 -5.46 -4.48
C GLU A 37 3.72 -4.19 -5.29
N LYS A 38 4.80 -3.59 -5.78
CA LYS A 38 4.70 -2.37 -6.57
C LYS A 38 4.06 -2.66 -7.94
N PRO A 39 3.13 -1.80 -8.38
CA PRO A 39 2.44 -1.99 -9.67
C PRO A 39 3.39 -1.89 -10.86
N PRO B 5 -2.23 7.52 8.39
CA PRO B 5 -1.56 6.57 7.51
C PRO B 5 -2.50 5.52 6.95
N PRO B 6 -2.24 4.99 5.73
CA PRO B 6 -3.10 3.98 5.11
C PRO B 6 -2.89 2.60 5.73
N PRO B 7 -3.95 1.76 5.71
CA PRO B 7 -3.91 0.43 6.31
C PRO B 7 -3.19 -0.59 5.43
N LEU B 8 -2.57 -1.57 6.07
CA LEU B 8 -1.83 -2.59 5.34
C LEU B 8 -2.80 -3.61 4.74
N PRO B 9 -2.47 -4.18 3.56
CA PRO B 9 -3.31 -5.19 2.91
C PRO B 9 -3.10 -6.57 3.53
N PRO B 10 -4.14 -7.42 3.52
CA PRO B 10 -4.04 -8.77 4.08
C PRO B 10 -3.42 -9.76 3.10
N SER A 12 -2.29 6.17 -11.84
CA SER A 12 -1.40 6.49 -10.72
C SER A 12 -2.20 6.69 -9.43
N MET A 13 -1.74 7.63 -8.61
CA MET A 13 -2.40 7.92 -7.34
C MET A 13 -2.18 6.77 -6.36
N TRP A 14 -0.91 6.53 -6.03
CA TRP A 14 -0.52 5.48 -5.10
C TRP A 14 0.36 6.03 -3.99
N THR A 15 0.37 5.34 -2.85
CA THR A 15 1.18 5.76 -1.72
C THR A 15 2.17 4.65 -1.34
N GLU A 16 3.39 5.04 -0.98
CA GLU A 16 4.42 4.07 -0.63
C GLU A 16 4.65 4.01 0.88
N HIS A 17 4.55 2.80 1.43
CA HIS A 17 4.75 2.58 2.86
C HIS A 17 5.44 1.25 3.10
N LYS A 18 5.89 1.02 4.33
CA LYS A 18 6.60 -0.21 4.66
C LYS A 18 5.85 -1.04 5.71
N SER A 19 5.32 -2.19 5.27
CA SER A 19 4.61 -3.08 6.17
C SER A 19 5.43 -3.38 7.42
N PRO A 20 4.80 -3.35 8.61
CA PRO A 20 5.48 -3.60 9.88
C PRO A 20 6.40 -4.81 9.84
N ASP A 21 5.89 -5.93 9.31
CA ASP A 21 6.67 -7.15 9.21
C ASP A 21 8.04 -6.87 8.58
N GLY A 22 8.08 -5.86 7.72
CA GLY A 22 9.31 -5.49 7.06
C GLY A 22 9.22 -5.61 5.55
N ARG A 23 8.10 -5.18 5.00
CA ARG A 23 7.88 -5.26 3.56
C ARG A 23 7.51 -3.90 2.98
N THR A 24 7.57 -3.79 1.66
CA THR A 24 7.21 -2.54 0.98
C THR A 24 5.87 -2.70 0.30
N TYR A 25 4.83 -2.10 0.89
CA TYR A 25 3.49 -2.19 0.34
C TYR A 25 3.02 -0.84 -0.18
N TYR A 26 1.95 -0.86 -0.97
CA TYR A 26 1.39 0.37 -1.54
C TYR A 26 -0.11 0.45 -1.31
N TYR A 27 -0.62 1.67 -1.20
CA TYR A 27 -2.04 1.89 -0.97
C TYR A 27 -2.62 2.79 -2.07
N ASN A 28 -3.64 2.29 -2.76
CA ASN A 28 -4.28 3.04 -3.83
C ASN A 28 -5.26 4.06 -3.27
N THR A 29 -5.09 5.32 -3.66
CA THR A 29 -5.96 6.38 -3.19
C THR A 29 -7.07 6.64 -4.21
N GLU A 30 -7.04 5.91 -5.31
CA GLU A 30 -8.04 6.05 -6.36
C GLU A 30 -9.34 5.40 -5.92
N THR A 31 -9.32 4.09 -5.76
CA THR A 31 -10.50 3.34 -5.33
C THR A 31 -10.48 3.13 -3.82
N LYS A 32 -9.35 3.50 -3.21
CA LYS A 32 -9.17 3.38 -1.77
C LYS A 32 -9.05 1.93 -1.34
N GLN A 33 -7.87 1.36 -1.53
CA GLN A 33 -7.62 -0.03 -1.16
C GLN A 33 -6.14 -0.26 -0.90
N SER A 34 -5.83 -1.36 -0.21
CA SER A 34 -4.45 -1.70 0.11
C SER A 34 -3.96 -2.84 -0.77
N THR A 35 -2.75 -2.69 -1.33
CA THR A 35 -2.18 -3.70 -2.20
C THR A 35 -0.73 -4.01 -1.84
N TRP A 36 -0.26 -5.18 -2.27
CA TRP A 36 1.11 -5.61 -2.02
C TRP A 36 1.95 -5.49 -3.28
N GLU A 37 3.22 -5.11 -3.09
CA GLU A 37 4.15 -4.96 -4.20
C GLU A 37 3.72 -3.84 -5.14
N LYS A 38 4.70 -3.08 -5.63
CA LYS A 38 4.43 -1.98 -6.55
C LYS A 38 3.67 -2.47 -7.78
N PRO A 39 2.65 -1.70 -8.22
CA PRO A 39 1.84 -2.06 -9.39
C PRO A 39 2.58 -1.85 -10.71
N PRO B 5 -2.18 7.48 8.24
CA PRO B 5 -1.48 6.45 7.47
C PRO B 5 -2.44 5.42 6.86
N PRO B 6 -2.09 4.86 5.69
CA PRO B 6 -2.94 3.87 5.01
C PRO B 6 -2.81 2.48 5.65
N PRO B 7 -3.89 1.67 5.59
CA PRO B 7 -3.90 0.33 6.19
C PRO B 7 -3.17 -0.68 5.32
N LEU B 8 -2.58 -1.68 5.95
CA LEU B 8 -1.83 -2.70 5.23
C LEU B 8 -2.80 -3.72 4.60
N PRO B 9 -2.44 -4.27 3.42
CA PRO B 9 -3.27 -5.26 2.73
C PRO B 9 -3.11 -6.65 3.33
N PRO B 10 -4.17 -7.48 3.28
CA PRO B 10 -4.11 -8.84 3.83
C PRO B 10 -3.46 -9.82 2.85
N SER A 12 -1.62 4.53 -11.65
CA SER A 12 -1.28 5.78 -10.99
C SER A 12 -2.09 5.97 -9.71
N MET A 13 -1.75 7.01 -8.95
CA MET A 13 -2.43 7.32 -7.69
C MET A 13 -2.17 6.26 -6.63
N TRP A 14 -0.96 6.23 -6.11
CA TRP A 14 -0.58 5.25 -5.07
C TRP A 14 0.26 5.90 -3.98
N THR A 15 0.29 5.26 -2.82
CA THR A 15 1.09 5.74 -1.70
C THR A 15 2.11 4.67 -1.31
N GLU A 16 3.32 5.10 -0.96
CA GLU A 16 4.38 4.16 -0.60
C GLU A 16 4.60 4.10 0.91
N HIS A 17 4.57 2.88 1.45
CA HIS A 17 4.78 2.66 2.87
C HIS A 17 5.48 1.32 3.09
N LYS A 18 5.93 1.06 4.33
CA LYS A 18 6.64 -0.17 4.64
C LYS A 18 5.92 -1.01 5.70
N SER A 19 5.34 -2.12 5.28
CA SER A 19 4.66 -3.04 6.19
C SER A 19 5.55 -3.36 7.39
N PRO A 20 4.98 -3.28 8.62
CA PRO A 20 5.72 -3.54 9.86
C PRO A 20 6.47 -4.87 9.83
N ASP A 21 5.87 -5.87 9.18
CA ASP A 21 6.50 -7.18 9.08
C ASP A 21 7.89 -7.04 8.48
N GLY A 22 8.06 -6.05 7.63
CA GLY A 22 9.34 -5.80 7.00
C GLY A 22 9.26 -5.80 5.49
N ARG A 23 8.13 -5.34 4.96
CA ARG A 23 7.93 -5.31 3.52
C ARG A 23 7.50 -3.92 3.05
N THR A 24 7.58 -3.69 1.74
CA THR A 24 7.18 -2.41 1.16
C THR A 24 5.84 -2.56 0.45
N TYR A 25 4.79 -1.99 1.03
CA TYR A 25 3.45 -2.09 0.45
C TYR A 25 2.98 -0.75 -0.10
N TYR A 26 1.94 -0.79 -0.92
CA TYR A 26 1.39 0.42 -1.53
C TYR A 26 -0.12 0.49 -1.34
N TYR A 27 -0.61 1.68 -1.02
CA TYR A 27 -2.05 1.89 -0.83
C TYR A 27 -2.62 2.70 -1.98
N ASN A 28 -3.54 2.08 -2.72
CA ASN A 28 -4.18 2.74 -3.86
C ASN A 28 -5.14 3.82 -3.39
N THR A 29 -4.91 5.05 -3.82
CA THR A 29 -5.77 6.17 -3.44
C THR A 29 -6.86 6.40 -4.49
N GLU A 30 -6.78 5.66 -5.59
CA GLU A 30 -7.77 5.78 -6.65
C GLU A 30 -9.02 4.98 -6.31
N THR A 31 -8.86 3.66 -6.26
CA THR A 31 -9.96 2.76 -5.92
C THR A 31 -10.19 2.75 -4.41
N LYS A 32 -9.19 3.23 -3.68
CA LYS A 32 -9.24 3.30 -2.21
C LYS A 32 -9.14 1.91 -1.60
N GLN A 33 -7.97 1.31 -1.73
CA GLN A 33 -7.72 -0.02 -1.19
C GLN A 33 -6.23 -0.24 -0.96
N SER A 34 -5.91 -1.30 -0.22
CA SER A 34 -4.51 -1.61 0.08
C SER A 34 -4.03 -2.77 -0.78
N THR A 35 -2.82 -2.65 -1.31
CA THR A 35 -2.27 -3.69 -2.18
C THR A 35 -0.78 -3.94 -1.90
N TRP A 36 -0.31 -5.12 -2.31
CA TRP A 36 1.07 -5.51 -2.14
C TRP A 36 1.84 -5.41 -3.46
N GLU A 37 3.16 -5.41 -3.37
CA GLU A 37 4.02 -5.33 -4.55
C GLU A 37 3.82 -4.01 -5.30
N LYS A 38 4.92 -3.45 -5.78
CA LYS A 38 4.87 -2.19 -6.52
C LYS A 38 4.02 -2.34 -7.79
N PRO A 39 2.87 -1.66 -7.86
CA PRO A 39 1.97 -1.74 -9.01
C PRO A 39 2.38 -0.80 -10.14
N PRO B 5 -2.09 7.45 8.45
CA PRO B 5 -1.45 6.45 7.60
C PRO B 5 -2.45 5.45 7.01
N PRO B 6 -2.15 4.92 5.80
CA PRO B 6 -3.01 3.96 5.12
C PRO B 6 -2.88 2.55 5.72
N PRO B 7 -3.95 1.74 5.66
CA PRO B 7 -3.95 0.38 6.23
C PRO B 7 -3.21 -0.60 5.35
N LEU B 8 -2.61 -1.62 5.98
CA LEU B 8 -1.86 -2.62 5.25
C LEU B 8 -2.81 -3.64 4.60
N PRO B 9 -2.44 -4.18 3.40
CA PRO B 9 -3.25 -5.16 2.69
C PRO B 9 -3.07 -6.57 3.28
N PRO B 10 -4.12 -7.41 3.20
CA PRO B 10 -4.05 -8.78 3.71
C PRO B 10 -3.34 -9.71 2.74
N SER A 12 -1.02 5.70 -11.99
CA SER A 12 -0.77 6.67 -10.92
C SER A 12 -1.77 6.48 -9.77
N MET A 13 -1.78 7.45 -8.83
CA MET A 13 -2.68 7.41 -7.68
C MET A 13 -2.27 6.31 -6.70
N TRP A 14 -1.02 6.37 -6.24
CA TRP A 14 -0.50 5.39 -5.29
C TRP A 14 0.40 6.03 -4.25
N THR A 15 0.42 5.45 -3.05
CA THR A 15 1.26 5.93 -1.97
C THR A 15 2.23 4.83 -1.55
N GLU A 16 3.42 5.22 -1.10
CA GLU A 16 4.44 4.25 -0.70
C GLU A 16 4.57 4.14 0.82
N HIS A 17 4.55 2.90 1.31
CA HIS A 17 4.68 2.62 2.74
C HIS A 17 5.37 1.27 2.94
N LYS A 18 5.72 0.96 4.19
CA LYS A 18 6.39 -0.30 4.49
C LYS A 18 5.71 -1.08 5.60
N SER A 19 5.24 -2.29 5.26
CA SER A 19 4.58 -3.17 6.21
C SER A 19 5.47 -3.39 7.43
N PRO A 20 4.87 -3.45 8.63
CA PRO A 20 5.60 -3.63 9.89
C PRO A 20 6.40 -4.92 9.93
N ASP A 21 6.08 -5.84 9.03
CA ASP A 21 6.79 -7.12 8.95
C ASP A 21 8.05 -6.97 8.10
N GLY A 22 8.43 -5.73 7.84
CA GLY A 22 9.61 -5.46 7.04
C GLY A 22 9.34 -5.63 5.56
N ARG A 23 8.12 -5.31 5.15
CA ARG A 23 7.74 -5.43 3.74
C ARG A 23 7.41 -4.07 3.15
N THR A 24 7.34 -4.00 1.83
CA THR A 24 7.02 -2.74 1.15
C THR A 24 5.64 -2.84 0.50
N TYR A 25 4.69 -2.10 1.05
CA TYR A 25 3.33 -2.12 0.51
C TYR A 25 2.91 -0.74 0.03
N TYR A 26 1.86 -0.69 -0.78
CA TYR A 26 1.37 0.57 -1.33
C TYR A 26 -0.13 0.71 -1.14
N TYR A 27 -0.61 1.95 -1.05
CA TYR A 27 -2.02 2.21 -0.88
C TYR A 27 -2.58 2.93 -2.10
N ASN A 28 -3.55 2.30 -2.75
CA ASN A 28 -4.19 2.88 -3.93
C ASN A 28 -5.23 3.90 -3.54
N THR A 29 -5.08 5.13 -4.03
CA THR A 29 -6.02 6.20 -3.72
C THR A 29 -7.08 6.32 -4.80
N GLU A 30 -6.86 5.64 -5.92
CA GLU A 30 -7.80 5.65 -7.04
C GLU A 30 -9.03 4.83 -6.69
N THR A 31 -8.83 3.55 -6.43
CA THR A 31 -9.92 2.65 -6.07
C THR A 31 -10.14 2.67 -4.56
N LYS A 32 -9.13 3.17 -3.84
CA LYS A 32 -9.18 3.27 -2.39
C LYS A 32 -9.06 1.90 -1.74
N GLN A 33 -7.88 1.29 -1.88
CA GLN A 33 -7.63 -0.02 -1.31
C GLN A 33 -6.14 -0.22 -1.06
N SER A 34 -5.81 -1.23 -0.28
CA SER A 34 -4.41 -1.53 0.03
C SER A 34 -3.94 -2.75 -0.76
N THR A 35 -2.71 -2.70 -1.27
CA THR A 35 -2.18 -3.80 -2.05
C THR A 35 -0.68 -4.02 -1.81
N TRP A 36 -0.19 -5.17 -2.24
CA TRP A 36 1.22 -5.54 -2.09
C TRP A 36 1.97 -5.39 -3.41
N GLU A 37 3.30 -5.41 -3.33
CA GLU A 37 4.16 -5.28 -4.51
C GLU A 37 4.03 -3.91 -5.16
N LYS A 38 5.15 -3.40 -5.65
CA LYS A 38 5.20 -2.09 -6.30
C LYS A 38 4.20 -2.00 -7.45
N PRO A 39 3.39 -0.93 -7.48
CA PRO A 39 2.38 -0.71 -8.51
C PRO A 39 2.88 0.20 -9.63
N PRO B 5 -2.01 7.36 8.64
CA PRO B 5 -1.39 6.33 7.81
C PRO B 5 -2.39 5.33 7.23
N PRO B 6 -2.12 4.81 6.03
CA PRO B 6 -3.00 3.83 5.37
C PRO B 6 -2.86 2.42 5.96
N PRO B 7 -3.95 1.63 5.90
CA PRO B 7 -3.96 0.27 6.46
C PRO B 7 -3.23 -0.72 5.55
N LEU B 8 -2.62 -1.73 6.14
CA LEU B 8 -1.88 -2.73 5.39
C LEU B 8 -2.83 -3.73 4.71
N PRO B 9 -2.46 -4.23 3.51
CA PRO B 9 -3.26 -5.21 2.75
C PRO B 9 -3.11 -6.61 3.30
N PRO B 10 -4.16 -7.45 3.20
CA PRO B 10 -4.12 -8.83 3.67
C PRO B 10 -3.52 -9.78 2.63
N SER A 12 -2.06 5.95 -11.55
CA SER A 12 -1.63 6.96 -10.59
C SER A 12 -2.44 6.86 -9.30
N MET A 13 -2.22 7.80 -8.39
CA MET A 13 -2.93 7.83 -7.12
C MET A 13 -2.50 6.68 -6.21
N TRP A 14 -1.20 6.63 -5.92
CA TRP A 14 -0.65 5.57 -5.06
C TRP A 14 0.23 6.17 -3.96
N THR A 15 0.48 5.38 -2.92
CA THR A 15 1.33 5.80 -1.82
C THR A 15 2.29 4.69 -1.43
N GLU A 16 3.51 5.07 -1.04
CA GLU A 16 4.53 4.09 -0.68
C GLU A 16 4.72 4.02 0.83
N HIS A 17 4.54 2.82 1.38
CA HIS A 17 4.71 2.59 2.81
C HIS A 17 5.35 1.22 3.03
N LYS A 18 5.85 0.98 4.24
CA LYS A 18 6.50 -0.28 4.56
C LYS A 18 5.77 -1.07 5.64
N SER A 19 5.28 -2.26 5.27
CA SER A 19 4.60 -3.13 6.21
C SER A 19 5.47 -3.37 7.44
N PRO A 20 4.85 -3.47 8.63
CA PRO A 20 5.57 -3.65 9.90
C PRO A 20 6.49 -4.87 9.90
N ASP A 21 6.03 -5.97 9.31
CA ASP A 21 6.83 -7.19 9.25
C ASP A 21 8.15 -6.94 8.52
N GLY A 22 8.22 -5.82 7.81
CA GLY A 22 9.42 -5.48 7.08
C GLY A 22 9.23 -5.62 5.57
N ARG A 23 8.07 -5.20 5.08
CA ARG A 23 7.77 -5.28 3.65
C ARG A 23 7.43 -3.91 3.09
N THR A 24 7.41 -3.83 1.76
CA THR A 24 7.08 -2.59 1.08
C THR A 24 5.75 -2.72 0.34
N TYR A 25 4.71 -2.12 0.93
CA TYR A 25 3.37 -2.19 0.33
C TYR A 25 2.95 -0.83 -0.21
N TYR A 26 1.90 -0.81 -1.03
CA TYR A 26 1.42 0.43 -1.61
C TYR A 26 -0.10 0.56 -1.46
N TYR A 27 -0.53 1.77 -1.13
CA TYR A 27 -1.96 2.03 -0.94
C TYR A 27 -2.49 2.88 -2.11
N ASN A 28 -3.57 2.39 -2.72
CA ASN A 28 -4.18 3.09 -3.85
C ASN A 28 -5.31 4.00 -3.37
N THR A 29 -5.12 5.31 -3.53
CA THR A 29 -6.13 6.27 -3.12
C THR A 29 -7.20 6.45 -4.20
N GLU A 30 -6.97 5.79 -5.34
CA GLU A 30 -7.91 5.86 -6.46
C GLU A 30 -9.09 4.93 -6.20
N THR A 31 -8.78 3.64 -6.01
CA THR A 31 -9.80 2.65 -5.73
C THR A 31 -10.08 2.58 -4.24
N LYS A 32 -9.16 3.16 -3.46
CA LYS A 32 -9.26 3.19 -2.01
C LYS A 32 -9.09 1.79 -1.44
N GLN A 33 -7.92 1.21 -1.70
CA GLN A 33 -7.62 -0.12 -1.23
C GLN A 33 -6.12 -0.29 -1.00
N SER A 34 -5.75 -1.35 -0.29
CA SER A 34 -4.34 -1.62 -0.01
C SER A 34 -3.90 -2.85 -0.81
N THR A 35 -2.69 -2.80 -1.35
CA THR A 35 -2.18 -3.91 -2.13
C THR A 35 -0.69 -4.16 -1.87
N TRP A 36 -0.23 -5.35 -2.25
CA TRP A 36 1.17 -5.75 -2.07
C TRP A 36 1.92 -5.65 -3.38
N GLU A 37 3.25 -5.52 -3.30
CA GLU A 37 4.09 -5.42 -4.48
C GLU A 37 3.79 -4.14 -5.27
N LYS A 38 4.84 -3.47 -5.71
CA LYS A 38 4.68 -2.23 -6.48
C LYS A 38 4.03 -2.50 -7.83
N PRO A 39 2.97 -1.74 -8.19
CA PRO A 39 2.28 -1.91 -9.48
C PRO A 39 3.07 -1.30 -10.63
N PRO B 5 -2.20 7.42 8.43
CA PRO B 5 -1.52 6.43 7.62
C PRO B 5 -2.49 5.44 6.97
N PRO B 6 -2.16 4.91 5.77
CA PRO B 6 -2.99 3.94 5.06
C PRO B 6 -2.88 2.55 5.66
N PRO B 7 -3.95 1.73 5.58
CA PRO B 7 -3.97 0.39 6.15
C PRO B 7 -3.20 -0.61 5.29
N LEU B 8 -2.62 -1.61 5.94
CA LEU B 8 -1.85 -2.64 5.24
C LEU B 8 -2.80 -3.65 4.58
N PRO B 9 -2.42 -4.21 3.40
CA PRO B 9 -3.23 -5.20 2.70
C PRO B 9 -3.10 -6.58 3.33
N PRO B 10 -4.16 -7.41 3.27
CA PRO B 10 -4.14 -8.76 3.82
C PRO B 10 -3.51 -9.77 2.89
N SER A 12 -1.77 5.25 -11.90
CA SER A 12 -1.12 6.17 -10.97
C SER A 12 -1.96 6.35 -9.70
N MET A 13 -1.52 7.30 -8.85
CA MET A 13 -2.22 7.59 -7.60
C MET A 13 -2.03 6.46 -6.58
N TRP A 14 -0.76 6.23 -6.21
CA TRP A 14 -0.42 5.20 -5.23
C TRP A 14 0.51 5.77 -4.16
N THR A 15 0.36 5.29 -2.93
CA THR A 15 1.21 5.74 -1.83
C THR A 15 2.19 4.65 -1.44
N GLU A 16 3.39 5.05 -1.04
CA GLU A 16 4.43 4.09 -0.67
C GLU A 16 4.61 4.03 0.85
N HIS A 17 4.53 2.82 1.39
CA HIS A 17 4.69 2.59 2.81
C HIS A 17 5.42 1.27 3.06
N LYS A 18 5.99 1.11 4.25
CA LYS A 18 6.72 -0.11 4.57
C LYS A 18 6.02 -0.94 5.64
N SER A 19 5.41 -2.04 5.22
CA SER A 19 4.72 -2.95 6.14
C SER A 19 5.61 -3.27 7.34
N PRO A 20 5.00 -3.34 8.55
CA PRO A 20 5.73 -3.60 9.80
C PRO A 20 6.44 -4.94 9.80
N ASP A 21 6.04 -5.82 8.89
CA ASP A 21 6.66 -7.13 8.79
C ASP A 21 7.94 -7.05 7.96
N GLY A 22 8.43 -5.82 7.79
CA GLY A 22 9.64 -5.61 7.02
C GLY A 22 9.39 -5.73 5.52
N ARG A 23 8.21 -5.32 5.09
CA ARG A 23 7.84 -5.38 3.67
C ARG A 23 7.47 -4.01 3.14
N THR A 24 7.41 -3.90 1.82
CA THR A 24 7.05 -2.63 1.18
C THR A 24 5.69 -2.76 0.51
N TYR A 25 4.67 -2.13 1.10
CA TYR A 25 3.32 -2.20 0.55
C TYR A 25 2.89 -0.84 0.02
N TYR A 26 1.83 -0.84 -0.79
CA TYR A 26 1.32 0.39 -1.38
C TYR A 26 -0.18 0.52 -1.17
N TYR A 27 -0.66 1.76 -1.11
CA TYR A 27 -2.09 2.03 -0.91
C TYR A 27 -2.64 2.91 -2.03
N ASN A 28 -3.56 2.35 -2.82
CA ASN A 28 -4.17 3.10 -3.91
C ASN A 28 -5.14 4.14 -3.36
N THR A 29 -4.97 5.39 -3.78
CA THR A 29 -5.83 6.47 -3.30
C THR A 29 -7.10 6.60 -4.14
N GLU A 30 -6.99 6.31 -5.44
CA GLU A 30 -8.15 6.39 -6.34
C GLU A 30 -9.16 5.30 -6.00
N THR A 31 -8.73 4.05 -6.13
CA THR A 31 -9.59 2.91 -5.82
C THR A 31 -9.81 2.81 -4.31
N LYS A 32 -8.91 3.42 -3.56
CA LYS A 32 -8.98 3.40 -2.10
C LYS A 32 -8.89 1.98 -1.58
N GLN A 33 -7.70 1.39 -1.68
CA GLN A 33 -7.49 0.03 -1.22
C GLN A 33 -6.01 -0.25 -0.96
N SER A 34 -5.74 -1.33 -0.25
CA SER A 34 -4.37 -1.71 0.08
C SER A 34 -3.90 -2.87 -0.78
N THR A 35 -2.71 -2.73 -1.37
CA THR A 35 -2.16 -3.77 -2.24
C THR A 35 -0.71 -4.11 -1.87
N TRP A 36 -0.29 -5.31 -2.26
CA TRP A 36 1.07 -5.78 -2.00
C TRP A 36 1.91 -5.73 -3.27
N GLU A 37 3.21 -5.52 -3.09
CA GLU A 37 4.15 -5.44 -4.20
C GLU A 37 3.84 -4.24 -5.09
N LYS A 38 4.88 -3.68 -5.69
CA LYS A 38 4.74 -2.53 -6.59
C LYS A 38 3.60 -2.75 -7.59
N PRO A 39 2.85 -1.69 -7.93
CA PRO A 39 1.74 -1.78 -8.87
C PRO A 39 2.22 -1.76 -10.32
N PRO B 5 -2.54 7.31 8.72
CA PRO B 5 -1.83 6.41 7.83
C PRO B 5 -2.74 5.40 7.15
N PRO B 6 -2.41 4.94 5.94
CA PRO B 6 -3.21 3.97 5.19
C PRO B 6 -3.04 2.56 5.74
N PRO B 7 -4.08 1.71 5.64
CA PRO B 7 -4.06 0.35 6.17
C PRO B 7 -3.28 -0.62 5.29
N LEU B 8 -2.67 -1.62 5.93
CA LEU B 8 -1.90 -2.63 5.23
C LEU B 8 -2.84 -3.65 4.59
N PRO B 9 -2.46 -4.22 3.42
CA PRO B 9 -3.26 -5.22 2.73
C PRO B 9 -3.12 -6.61 3.36
N PRO B 10 -4.17 -7.44 3.31
CA PRO B 10 -4.13 -8.79 3.86
C PRO B 10 -3.31 -9.74 3.00
N SER A 12 -2.24 5.14 -11.91
CA SER A 12 -1.45 5.95 -10.99
C SER A 12 -2.21 6.18 -9.69
N MET A 13 -1.77 7.17 -8.91
CA MET A 13 -2.39 7.50 -7.64
C MET A 13 -2.17 6.39 -6.61
N TRP A 14 -0.91 6.25 -6.18
CA TRP A 14 -0.53 5.24 -5.20
C TRP A 14 0.33 5.85 -4.10
N THR A 15 0.32 5.23 -2.92
CA THR A 15 1.12 5.69 -1.80
C THR A 15 2.13 4.63 -1.40
N GLU A 16 3.33 5.07 -1.01
CA GLU A 16 4.39 4.14 -0.63
C GLU A 16 4.58 4.07 0.88
N HIS A 17 4.54 2.86 1.42
CA HIS A 17 4.73 2.65 2.85
C HIS A 17 5.43 1.31 3.10
N LYS A 18 5.91 1.10 4.32
CA LYS A 18 6.63 -0.12 4.66
C LYS A 18 5.88 -0.97 5.68
N SER A 19 5.34 -2.10 5.22
CA SER A 19 4.64 -3.03 6.09
C SER A 19 5.48 -3.35 7.32
N PRO A 20 4.83 -3.44 8.50
CA PRO A 20 5.51 -3.71 9.78
C PRO A 20 6.25 -5.03 9.79
N ASP A 21 5.88 -5.92 8.87
CA ASP A 21 6.53 -7.22 8.77
C ASP A 21 7.84 -7.10 8.02
N GLY A 22 8.26 -5.87 7.77
CA GLY A 22 9.51 -5.63 7.06
C GLY A 22 9.33 -5.71 5.56
N ARG A 23 8.16 -5.28 5.08
CA ARG A 23 7.87 -5.33 3.65
C ARG A 23 7.53 -3.94 3.12
N THR A 24 7.53 -3.80 1.80
CA THR A 24 7.19 -2.54 1.16
C THR A 24 5.83 -2.67 0.47
N TYR A 25 4.80 -2.08 1.07
CA TYR A 25 3.46 -2.16 0.51
C TYR A 25 3.01 -0.81 -0.02
N TYR A 26 1.96 -0.83 -0.86
CA TYR A 26 1.44 0.39 -1.45
C TYR A 26 -0.08 0.46 -1.30
N TYR A 27 -0.59 1.66 -1.05
CA TYR A 27 -2.03 1.86 -0.89
C TYR A 27 -2.58 2.73 -2.00
N ASN A 28 -3.53 2.17 -2.77
CA ASN A 28 -4.14 2.89 -3.87
C ASN A 28 -5.11 3.95 -3.33
N THR A 29 -4.93 5.19 -3.76
CA THR A 29 -5.78 6.28 -3.29
C THR A 29 -6.99 6.49 -4.19
N GLU A 30 -7.00 5.81 -5.33
CA GLU A 30 -8.13 5.92 -6.27
C GLU A 30 -9.34 5.18 -5.72
N THR A 31 -9.22 3.86 -5.61
CA THR A 31 -10.30 3.03 -5.10
C THR A 31 -10.30 3.07 -3.58
N LYS A 32 -9.16 3.48 -3.01
CA LYS A 32 -8.99 3.59 -1.57
C LYS A 32 -8.86 2.21 -0.94
N GLN A 33 -7.80 1.51 -1.31
CA GLN A 33 -7.54 0.18 -0.81
C GLN A 33 -6.05 -0.07 -0.69
N SER A 34 -5.69 -1.13 0.02
CA SER A 34 -4.28 -1.48 0.21
C SER A 34 -3.90 -2.66 -0.68
N THR A 35 -2.69 -2.63 -1.22
CA THR A 35 -2.22 -3.70 -2.09
C THR A 35 -0.74 -4.00 -1.89
N TRP A 36 -0.32 -5.20 -2.31
CA TRP A 36 1.07 -5.63 -2.19
C TRP A 36 1.75 -5.55 -3.55
N GLU A 37 2.95 -4.96 -3.57
CA GLU A 37 3.73 -4.82 -4.80
C GLU A 37 3.03 -3.92 -5.81
N LYS A 38 3.80 -3.04 -6.44
CA LYS A 38 3.27 -2.12 -7.44
C LYS A 38 2.79 -2.86 -8.69
N PRO A 39 1.81 -2.28 -9.42
CA PRO A 39 1.26 -2.89 -10.63
C PRO A 39 2.10 -2.60 -11.88
N PRO B 5 -2.55 7.65 8.09
CA PRO B 5 -1.82 6.60 7.39
C PRO B 5 -2.73 5.52 6.83
N PRO B 6 -2.35 4.91 5.69
CA PRO B 6 -3.13 3.86 5.04
C PRO B 6 -2.97 2.49 5.70
N PRO B 7 -4.02 1.65 5.63
CA PRO B 7 -4.01 0.31 6.23
C PRO B 7 -3.24 -0.68 5.36
N LEU B 8 -2.62 -1.66 6.00
CA LEU B 8 -1.85 -2.66 5.27
C LEU B 8 -2.77 -3.69 4.61
N PRO B 9 -2.40 -4.22 3.44
CA PRO B 9 -3.20 -5.23 2.72
C PRO B 9 -3.03 -6.61 3.31
N PRO B 10 -4.08 -7.46 3.23
CA PRO B 10 -4.02 -8.82 3.76
C PRO B 10 -3.35 -9.79 2.80
N SER A 12 -1.85 5.78 -11.77
CA SER A 12 -1.39 6.75 -10.79
C SER A 12 -2.25 6.69 -9.54
N MET A 13 -2.06 7.65 -8.63
CA MET A 13 -2.82 7.72 -7.39
C MET A 13 -2.43 6.59 -6.44
N TRP A 14 -1.15 6.56 -6.05
CA TRP A 14 -0.64 5.54 -5.15
C TRP A 14 0.17 6.15 -4.02
N THR A 15 0.40 5.37 -2.96
CA THR A 15 1.20 5.82 -1.82
C THR A 15 2.25 4.78 -1.47
N GLU A 16 3.41 5.23 -1.02
CA GLU A 16 4.49 4.32 -0.68
C GLU A 16 4.65 4.17 0.83
N HIS A 17 4.61 2.92 1.30
CA HIS A 17 4.75 2.61 2.72
C HIS A 17 5.42 1.25 2.90
N LYS A 18 5.75 0.91 4.14
CA LYS A 18 6.42 -0.35 4.42
C LYS A 18 5.76 -1.12 5.55
N SER A 19 5.26 -2.31 5.23
CA SER A 19 4.62 -3.19 6.22
C SER A 19 5.56 -3.42 7.41
N PRO A 20 4.99 -3.46 8.63
CA PRO A 20 5.75 -3.66 9.87
C PRO A 20 6.48 -5.00 9.89
N ASP A 21 6.04 -5.92 9.05
CA ASP A 21 6.66 -7.24 8.96
C ASP A 21 7.96 -7.16 8.17
N GLY A 22 8.34 -5.94 7.78
CA GLY A 22 9.56 -5.75 7.02
C GLY A 22 9.32 -5.84 5.52
N ARG A 23 8.14 -5.43 5.08
CA ARG A 23 7.80 -5.48 3.67
C ARG A 23 7.47 -4.08 3.14
N THR A 24 7.43 -3.95 1.82
CA THR A 24 7.11 -2.67 1.19
C THR A 24 5.75 -2.74 0.51
N TYR A 25 4.76 -2.05 1.07
CA TYR A 25 3.41 -2.06 0.51
C TYR A 25 3.00 -0.68 0.01
N TYR A 26 1.95 -0.64 -0.81
CA TYR A 26 1.46 0.63 -1.36
C TYR A 26 -0.04 0.74 -1.22
N TYR A 27 -0.54 1.97 -1.14
CA TYR A 27 -1.98 2.21 -1.01
C TYR A 27 -2.53 2.85 -2.28
N ASN A 28 -3.61 2.28 -2.80
CA ASN A 28 -4.24 2.80 -4.00
C ASN A 28 -5.36 3.75 -3.64
N THR A 29 -5.14 5.04 -3.85
CA THR A 29 -6.14 6.06 -3.53
C THR A 29 -7.10 6.25 -4.69
N GLU A 30 -6.95 5.40 -5.72
CA GLU A 30 -7.80 5.46 -6.90
C GLU A 30 -9.00 4.54 -6.71
N THR A 31 -8.75 3.24 -6.69
CA THR A 31 -9.81 2.25 -6.50
C THR A 31 -10.20 2.19 -5.03
N LYS A 32 -9.32 2.74 -4.19
CA LYS A 32 -9.53 2.78 -2.74
C LYS A 32 -9.31 1.41 -2.10
N GLN A 33 -8.06 0.99 -2.06
CA GLN A 33 -7.71 -0.31 -1.48
C GLN A 33 -6.20 -0.38 -1.20
N SER A 34 -5.81 -1.37 -0.41
CA SER A 34 -4.40 -1.56 -0.08
C SER A 34 -3.84 -2.72 -0.88
N THR A 35 -2.62 -2.57 -1.39
CA THR A 35 -2.01 -3.62 -2.21
C THR A 35 -0.58 -3.93 -1.78
N TRP A 36 -0.12 -5.11 -2.18
CA TRP A 36 1.23 -5.58 -1.87
C TRP A 36 2.12 -5.48 -3.09
N GLU A 37 3.43 -5.40 -2.85
CA GLU A 37 4.42 -5.30 -3.92
C GLU A 37 4.24 -4.02 -4.73
N LYS A 38 5.34 -3.49 -5.23
CA LYS A 38 5.35 -2.28 -6.03
C LYS A 38 4.29 -2.35 -7.13
N PRO A 39 3.55 -1.25 -7.39
CA PRO A 39 2.51 -1.20 -8.41
C PRO A 39 3.08 -1.04 -9.81
N PRO B 5 -2.19 7.47 8.62
CA PRO B 5 -1.51 6.49 7.78
C PRO B 5 -2.48 5.46 7.18
N PRO B 6 -2.18 4.94 5.98
CA PRO B 6 -3.03 3.95 5.31
C PRO B 6 -2.87 2.56 5.90
N PRO B 7 -3.95 1.74 5.85
CA PRO B 7 -3.94 0.38 6.40
C PRO B 7 -3.21 -0.61 5.49
N LEU B 8 -2.60 -1.62 6.11
CA LEU B 8 -1.88 -2.63 5.36
C LEU B 8 -2.84 -3.63 4.72
N PRO B 9 -2.48 -4.18 3.53
CA PRO B 9 -3.32 -5.15 2.82
C PRO B 9 -3.18 -6.55 3.42
N PRO B 10 -4.24 -7.37 3.35
CA PRO B 10 -4.21 -8.73 3.88
C PRO B 10 -3.50 -9.70 2.93
N SER A 12 -2.10 7.17 -11.75
CA SER A 12 -1.28 7.21 -10.54
C SER A 12 -2.14 7.11 -9.29
N MET A 13 -2.05 8.11 -8.41
CA MET A 13 -2.82 8.10 -7.18
C MET A 13 -2.40 6.93 -6.29
N TRP A 14 -1.11 6.88 -5.98
CA TRP A 14 -0.57 5.81 -5.14
C TRP A 14 0.28 6.36 -4.00
N THR A 15 0.38 5.58 -2.93
CA THR A 15 1.18 5.97 -1.77
C THR A 15 2.14 4.83 -1.39
N GLU A 16 3.35 5.18 -1.00
CA GLU A 16 4.34 4.17 -0.64
C GLU A 16 4.55 4.07 0.86
N HIS A 17 4.44 2.85 1.38
CA HIS A 17 4.63 2.58 2.80
C HIS A 17 5.24 1.20 2.99
N LYS A 18 5.62 0.87 4.23
CA LYS A 18 6.23 -0.43 4.50
C LYS A 18 5.47 -1.24 5.56
N SER A 19 5.19 -2.50 5.23
CA SER A 19 4.52 -3.41 6.14
C SER A 19 5.33 -3.60 7.42
N PRO A 20 4.65 -3.81 8.57
CA PRO A 20 5.32 -3.96 9.86
C PRO A 20 6.48 -4.95 9.85
N ASP A 21 6.20 -6.18 9.39
CA ASP A 21 7.23 -7.22 9.33
C ASP A 21 8.48 -6.70 8.62
N GLY A 22 8.30 -5.68 7.79
CA GLY A 22 9.42 -5.10 7.06
C GLY A 22 9.30 -5.29 5.57
N ARG A 23 8.10 -5.10 5.05
CA ARG A 23 7.86 -5.25 3.61
C ARG A 23 7.49 -3.92 2.98
N THR A 24 7.54 -3.86 1.65
CA THR A 24 7.19 -2.64 0.95
C THR A 24 5.82 -2.78 0.29
N TYR A 25 4.81 -2.16 0.89
CA TYR A 25 3.45 -2.22 0.36
C TYR A 25 3.00 -0.87 -0.15
N TYR A 26 1.94 -0.87 -0.94
CA TYR A 26 1.41 0.37 -1.50
C TYR A 26 -0.09 0.49 -1.27
N TYR A 27 -0.57 1.73 -1.26
CA TYR A 27 -1.99 1.99 -1.05
C TYR A 27 -2.53 2.87 -2.17
N ASN A 28 -3.55 2.38 -2.86
CA ASN A 28 -4.16 3.11 -3.96
C ASN A 28 -5.23 4.06 -3.44
N THR A 29 -5.01 5.36 -3.63
CA THR A 29 -5.96 6.37 -3.19
C THR A 29 -7.03 6.60 -4.24
N GLU A 30 -6.89 5.92 -5.39
CA GLU A 30 -7.85 6.04 -6.47
C GLU A 30 -9.01 5.07 -6.25
N THR A 31 -8.67 3.81 -5.98
CA THR A 31 -9.66 2.78 -5.74
C THR A 31 -9.97 2.69 -4.25
N LYS A 32 -9.05 3.25 -3.45
CA LYS A 32 -9.19 3.26 -1.99
C LYS A 32 -8.99 1.87 -1.41
N GLN A 33 -7.79 1.34 -1.56
CA GLN A 33 -7.48 0.02 -1.06
C GLN A 33 -5.97 -0.17 -0.89
N SER A 34 -5.59 -1.21 -0.17
CA SER A 34 -4.19 -1.52 0.05
C SER A 34 -3.79 -2.71 -0.80
N THR A 35 -2.54 -2.73 -1.26
CA THR A 35 -2.07 -3.82 -2.11
C THR A 35 -0.62 -4.20 -1.79
N TRP A 36 -0.27 -5.44 -2.15
CA TRP A 36 1.07 -5.97 -1.93
C TRP A 36 1.87 -5.97 -3.23
N GLU A 37 3.19 -5.97 -3.12
CA GLU A 37 4.08 -5.98 -4.28
C GLU A 37 3.91 -4.72 -5.11
N LYS A 38 5.03 -4.19 -5.59
CA LYS A 38 5.03 -2.98 -6.40
C LYS A 38 4.17 -3.16 -7.66
N PRO A 39 3.22 -2.25 -7.91
CA PRO A 39 2.34 -2.32 -9.09
C PRO A 39 3.04 -1.82 -10.35
N PRO B 5 -2.39 7.56 8.18
CA PRO B 5 -1.64 6.52 7.44
C PRO B 5 -2.57 5.49 6.83
N PRO B 6 -2.20 4.91 5.66
CA PRO B 6 -3.00 3.89 4.99
C PRO B 6 -2.86 2.51 5.64
N PRO B 7 -3.93 1.69 5.57
CA PRO B 7 -3.93 0.35 6.17
C PRO B 7 -3.18 -0.66 5.31
N LEU B 8 -2.58 -1.66 5.96
CA LEU B 8 -1.84 -2.68 5.25
C LEU B 8 -2.81 -3.70 4.64
N PRO B 9 -2.46 -4.28 3.47
CA PRO B 9 -3.31 -5.28 2.80
C PRO B 9 -3.18 -6.66 3.44
N PRO B 10 -4.25 -7.47 3.41
CA PRO B 10 -4.23 -8.81 3.98
C PRO B 10 -3.48 -9.80 3.10
#